data_5JUN
#
_entry.id   5JUN
#
_cell.length_a   81.360
_cell.length_b   81.360
_cell.length_c   54.820
_cell.angle_alpha   90.000
_cell.angle_beta   90.000
_cell.angle_gamma   120.000
#
_symmetry.space_group_name_H-M   'P 65'
#
loop_
_entity.id
_entity.type
_entity.pdbx_description
1 polymer 'Polymerase basic protein 2'
2 non-polymer '(3~{R})-3-[[5-fluoranyl-2-(5-fluoranyl-1~{H}-pyrrolo[2,3-b]pyridin-3-yl)pyrimidin-4-yl]amino]-3-(1-methylcyclobutyl)propanoic acid'
3 water water
#
_entity_poly.entity_id   1
_entity_poly.type   'polypeptide(L)'
_entity_poly.pdbx_seq_one_letter_code
;GHMRISSSFSFGGFTFKRTSGSSIKREEEVLTGNLQTLKIRVHEGYEEFTMVGKRATAILRKATRRLVQLIVSGKDEQSI
AEAIIVAMVFSQEDCMIKAVRGDLNFVNRANQRLNPMHQLLRHFQKDAKVLFQNWGIEHIDNVMGMVGVLPDMTPSTEMS
MRGIRVSKM
;
_entity_poly.pdbx_strand_id   A
#
loop_
_chem_comp.id
_chem_comp.type
_chem_comp.name
_chem_comp.formula
6NU non-polymer '(3~{R})-3-[[5-fluoranyl-2-(5-fluoranyl-1~{H}-pyrrolo[2,3-b]pyridin-3-yl)pyrimidin-4-yl]amino]-3-(1-methylcyclobutyl)propanoic acid' 'C19 H19 F2 N5 O2'
#
# COMPACT_ATOMS: atom_id res chain seq x y z
N SER A 7 10.64 -14.38 -11.33
CA SER A 7 10.00 -14.78 -10.08
C SER A 7 8.81 -13.86 -9.69
N SER A 8 7.67 -14.17 -10.32
CA SER A 8 6.42 -13.49 -10.14
C SER A 8 5.59 -14.07 -8.97
N PHE A 9 4.75 -13.24 -8.32
CA PHE A 9 3.84 -13.70 -7.25
C PHE A 9 2.51 -12.93 -7.25
N SER A 10 1.49 -13.46 -6.57
CA SER A 10 0.15 -12.89 -6.52
C SER A 10 -0.23 -12.34 -5.12
N PHE A 11 -0.90 -11.18 -5.07
CA PHE A 11 -1.35 -10.61 -3.80
C PHE A 11 -2.46 -9.59 -4.00
N GLY A 12 -3.62 -9.82 -3.39
CA GLY A 12 -4.80 -8.97 -3.49
C GLY A 12 -5.29 -8.71 -4.90
N GLY A 13 -5.23 -9.73 -5.76
CA GLY A 13 -5.70 -9.61 -7.14
C GLY A 13 -4.65 -9.10 -8.13
N PHE A 14 -3.45 -8.76 -7.62
CA PHE A 14 -2.37 -8.25 -8.45
C PHE A 14 -1.21 -9.23 -8.62
N THR A 15 -0.64 -9.27 -9.84
CA THR A 15 0.56 -10.02 -10.12
C THR A 15 1.71 -9.06 -9.88
N PHE A 16 2.58 -9.41 -8.95
CA PHE A 16 3.76 -8.61 -8.64
C PHE A 16 4.94 -9.30 -9.29
N LYS A 17 5.85 -8.50 -9.85
CA LYS A 17 7.08 -8.97 -10.43
C LYS A 17 8.14 -8.02 -9.96
N ARG A 18 9.19 -8.54 -9.34
CA ARG A 18 10.29 -7.69 -8.93
C ARG A 18 11.11 -7.33 -10.16
N THR A 19 11.28 -6.04 -10.39
CA THR A 19 12.06 -5.57 -11.53
C THR A 19 13.48 -5.19 -11.11
N SER A 20 13.66 -4.82 -9.82
CA SER A 20 14.97 -4.42 -9.26
CA SER A 20 14.96 -4.38 -9.27
C SER A 20 15.05 -4.71 -7.77
N GLY A 21 16.29 -4.75 -7.27
CA GLY A 21 16.57 -4.96 -5.86
C GLY A 21 16.43 -6.36 -5.33
N SER A 22 16.41 -6.48 -3.99
CA SER A 22 16.30 -7.74 -3.25
C SER A 22 15.97 -7.49 -1.81
N SER A 23 15.46 -8.51 -1.13
CA SER A 23 15.14 -8.43 0.26
C SER A 23 15.47 -9.72 0.98
N ILE A 24 15.66 -9.63 2.28
CA ILE A 24 15.77 -10.78 3.17
C ILE A 24 14.59 -10.65 4.09
N LYS A 25 14.17 -11.74 4.72
CA LYS A 25 13.02 -11.67 5.61
C LYS A 25 13.43 -11.74 7.06
N ARG A 26 12.64 -11.11 7.91
CA ARG A 26 12.83 -11.17 9.35
C ARG A 26 11.44 -11.20 9.98
N GLU A 27 11.19 -12.22 10.81
CA GLU A 27 9.94 -12.32 11.55
C GLU A 27 9.98 -11.25 12.65
N GLU A 28 9.00 -10.35 12.63
CA GLU A 28 8.95 -9.25 13.57
C GLU A 28 7.59 -9.06 14.15
N GLU A 29 7.55 -8.57 15.38
CA GLU A 29 6.33 -8.22 16.05
C GLU A 29 6.07 -6.71 15.90
N VAL A 30 4.84 -6.35 15.47
CA VAL A 30 4.38 -4.96 15.27
C VAL A 30 3.14 -4.66 16.12
N LEU A 31 2.92 -3.38 16.47
CA LEU A 31 1.73 -2.99 17.25
C LEU A 31 0.73 -2.24 16.39
N THR A 32 -0.52 -2.70 16.40
CA THR A 32 -1.60 -2.02 15.68
C THR A 32 -2.02 -0.76 16.49
N GLY A 33 -2.97 -0.01 15.95
CA GLY A 33 -3.59 1.12 16.63
C GLY A 33 -4.33 0.70 17.89
N ASN A 34 -4.79 -0.58 18.00
CA ASN A 34 -5.43 -1.10 19.22
C ASN A 34 -4.43 -1.71 20.18
N LEU A 35 -3.13 -1.53 19.91
CA LEU A 35 -2.04 -2.07 20.72
C LEU A 35 -2.08 -3.60 20.74
N GLN A 36 -2.46 -4.19 19.63
CA GLN A 36 -2.43 -5.65 19.48
C GLN A 36 -1.11 -6.01 18.78
N THR A 37 -0.43 -7.03 19.30
CA THR A 37 0.79 -7.54 18.67
C THR A 37 0.46 -8.50 17.52
N LEU A 38 1.04 -8.25 16.35
CA LEU A 38 0.98 -9.14 15.19
C LEU A 38 2.42 -9.54 14.85
N LYS A 39 2.63 -10.78 14.47
CA LYS A 39 3.93 -11.23 14.01
C LYS A 39 3.85 -11.24 12.50
N ILE A 40 4.68 -10.45 11.82
CA ILE A 40 4.69 -10.41 10.36
C ILE A 40 6.07 -10.73 9.84
N ARG A 41 6.15 -11.24 8.62
CA ARG A 41 7.42 -11.55 8.01
C ARG A 41 7.84 -10.27 7.26
N VAL A 42 8.77 -9.51 7.87
CA VAL A 42 9.24 -8.25 7.31
C VAL A 42 10.29 -8.43 6.26
N HIS A 43 10.09 -7.75 5.12
CA HIS A 43 11.06 -7.76 4.04
C HIS A 43 11.98 -6.59 4.17
N GLU A 44 13.26 -6.87 4.27
CA GLU A 44 14.27 -5.86 4.45
C GLU A 44 15.03 -5.65 3.20
N GLY A 45 15.03 -4.42 2.71
CA GLY A 45 15.78 -4.06 1.50
C GLY A 45 15.04 -3.12 0.60
N TYR A 46 15.67 -2.68 -0.46
CA TYR A 46 15.01 -1.80 -1.43
C TYR A 46 14.65 -2.62 -2.67
N GLU A 47 13.38 -2.52 -3.07
CA GLU A 47 12.86 -3.28 -4.20
C GLU A 47 11.96 -2.43 -5.08
N GLU A 48 11.86 -2.79 -6.36
CA GLU A 48 10.95 -2.13 -7.30
C GLU A 48 10.11 -3.20 -7.97
N PHE A 49 8.78 -3.02 -7.98
CA PHE A 49 7.86 -3.99 -8.55
C PHE A 49 6.98 -3.40 -9.57
N THR A 50 6.45 -4.26 -10.44
CA THR A 50 5.32 -3.92 -11.27
C THR A 50 4.14 -4.61 -10.58
N MET A 51 2.98 -3.96 -10.62
CA MET A 51 1.74 -4.55 -10.10
C MET A 51 0.78 -4.58 -11.25
N VAL A 52 0.44 -5.78 -11.71
CA VAL A 52 -0.48 -5.90 -12.82
C VAL A 52 -1.77 -6.53 -12.34
N GLY A 53 -2.86 -5.79 -12.49
CA GLY A 53 -4.20 -6.30 -12.18
C GLY A 53 -5.06 -6.25 -13.40
N LYS A 54 -6.25 -6.82 -13.30
CA LYS A 54 -7.22 -6.80 -14.40
C LYS A 54 -7.75 -5.36 -14.71
N ARG A 55 -7.75 -4.45 -13.71
CA ARG A 55 -8.29 -3.10 -13.92
C ARG A 55 -7.43 -1.93 -13.41
N ALA A 56 -6.22 -2.22 -12.98
CA ALA A 56 -5.23 -1.23 -12.58
C ALA A 56 -3.84 -1.84 -12.74
N THR A 57 -2.84 -1.00 -12.93
CA THR A 57 -1.45 -1.42 -12.99
C THR A 57 -0.67 -0.34 -12.28
N ALA A 58 0.49 -0.70 -11.72
CA ALA A 58 1.30 0.25 -10.98
C ALA A 58 2.76 -0.12 -10.91
N ILE A 59 3.59 0.89 -10.60
CA ILE A 59 5.00 0.76 -10.31
C ILE A 59 5.13 1.14 -8.85
N LEU A 60 5.63 0.20 -8.05
CA LEU A 60 5.89 0.39 -6.63
C LEU A 60 7.37 0.34 -6.34
N ARG A 61 7.83 1.31 -5.58
CA ARG A 61 9.21 1.37 -5.14
C ARG A 61 9.14 1.46 -3.64
N LYS A 62 9.74 0.50 -2.94
CA LYS A 62 9.70 0.41 -1.51
C LYS A 62 11.04 0.05 -0.88
N ALA A 63 11.22 0.45 0.36
CA ALA A 63 12.32 0.09 1.25
C ALA A 63 11.68 -0.71 2.42
N THR A 64 12.47 -1.06 3.44
CA THR A 64 11.99 -1.81 4.59
C THR A 64 10.89 -1.08 5.31
N ARG A 65 9.65 -1.57 5.20
CA ARG A 65 8.49 -0.99 5.88
C ARG A 65 8.29 0.48 5.52
N ARG A 66 8.60 0.84 4.29
CA ARG A 66 8.43 2.19 3.79
C ARG A 66 8.18 2.20 2.28
N LEU A 67 7.06 2.77 1.85
CA LEU A 67 6.72 2.97 0.45
C LEU A 67 7.44 4.25 0.03
N VAL A 68 8.29 4.14 -0.99
CA VAL A 68 9.05 5.28 -1.49
C VAL A 68 8.18 6.05 -2.51
N GLN A 69 7.56 5.31 -3.44
CA GLN A 69 6.69 5.88 -4.46
C GLN A 69 5.80 4.82 -5.10
N LEU A 70 4.56 5.22 -5.43
CA LEU A 70 3.58 4.40 -6.16
C LEU A 70 2.95 5.22 -7.28
N ILE A 71 3.15 4.78 -8.52
CA ILE A 71 2.57 5.42 -9.69
C ILE A 71 1.47 4.46 -10.14
N VAL A 72 0.20 4.90 -10.06
CA VAL A 72 -0.97 4.10 -10.42
C VAL A 72 -1.69 4.53 -11.63
N SER A 73 -2.10 3.54 -12.41
CA SER A 73 -2.90 3.74 -13.58
C SER A 73 -4.09 2.78 -13.41
N GLY A 74 -5.27 3.17 -13.85
CA GLY A 74 -6.44 2.30 -13.72
C GLY A 74 -7.68 2.75 -14.48
N LYS A 75 -8.72 1.89 -14.49
CA LYS A 75 -9.98 2.14 -15.18
C LYS A 75 -10.76 3.31 -14.60
N ASP A 76 -10.73 3.47 -13.27
CA ASP A 76 -11.47 4.51 -12.57
C ASP A 76 -10.98 4.60 -11.12
N GLU A 77 -11.57 5.51 -10.34
CA GLU A 77 -11.25 5.79 -8.95
C GLU A 77 -11.22 4.50 -8.10
N GLN A 78 -12.26 3.63 -8.24
CA GLN A 78 -12.39 2.41 -7.46
C GLN A 78 -11.27 1.43 -7.75
N SER A 79 -10.91 1.22 -9.03
CA SER A 79 -9.79 0.35 -9.44
C SER A 79 -8.49 0.83 -8.91
N ILE A 80 -8.28 2.16 -9.01
CA ILE A 80 -7.06 2.80 -8.56
C ILE A 80 -6.96 2.66 -7.05
N ALA A 81 -8.03 3.01 -6.33
CA ALA A 81 -8.04 2.91 -4.85
C ALA A 81 -7.70 1.49 -4.41
N GLU A 82 -8.28 0.49 -5.10
CA GLU A 82 -8.07 -0.95 -4.87
C GLU A 82 -6.58 -1.26 -4.95
N ALA A 83 -5.89 -0.73 -5.96
CA ALA A 83 -4.45 -0.92 -6.12
C ALA A 83 -3.67 -0.21 -5.03
N ILE A 84 -4.11 1.01 -4.65
CA ILE A 84 -3.49 1.80 -3.58
C ILE A 84 -3.56 1.06 -2.25
N ILE A 85 -4.70 0.46 -1.95
CA ILE A 85 -4.83 -0.26 -0.69
C ILE A 85 -3.78 -1.38 -0.60
N VAL A 86 -3.67 -2.20 -1.67
CA VAL A 86 -2.76 -3.34 -1.75
C VAL A 86 -1.32 -2.88 -1.63
N ALA A 87 -0.96 -1.78 -2.29
CA ALA A 87 0.41 -1.26 -2.21
C ALA A 87 0.75 -0.82 -0.80
N MET A 88 -0.19 -0.12 -0.14
CA MET A 88 -0.01 0.38 1.22
C MET A 88 0.16 -0.78 2.22
N VAL A 89 -0.69 -1.81 2.09
CA VAL A 89 -0.57 -3.00 2.95
C VAL A 89 0.76 -3.70 2.63
N PHE A 90 1.06 -3.90 1.34
CA PHE A 90 2.30 -4.53 0.92
C PHE A 90 3.55 -3.81 1.43
N SER A 91 3.48 -2.48 1.54
CA SER A 91 4.62 -1.65 1.98
C SER A 91 5.03 -2.01 3.39
N GLN A 92 4.09 -2.55 4.18
CA GLN A 92 4.30 -2.95 5.58
C GLN A 92 4.56 -1.74 6.50
N GLU A 93 4.27 -0.51 6.01
CA GLU A 93 4.47 0.70 6.77
C GLU A 93 3.75 0.68 8.10
N ASP A 94 4.39 1.26 9.12
CA ASP A 94 3.80 1.32 10.42
C ASP A 94 2.51 2.13 10.49
N CYS A 95 2.36 3.17 9.65
CA CYS A 95 1.11 3.94 9.69
C CYS A 95 -0.05 3.10 9.14
N MET A 96 0.26 2.10 8.30
CA MET A 96 -0.76 1.21 7.81
C MET A 96 -1.17 0.27 8.96
N ILE A 97 -0.21 -0.28 9.70
CA ILE A 97 -0.45 -1.14 10.86
C ILE A 97 -1.19 -0.37 11.95
N LYS A 98 -0.77 0.87 12.22
CA LYS A 98 -1.40 1.74 13.22
C LYS A 98 -2.82 2.14 12.86
N ALA A 99 -3.21 1.97 11.58
CA ALA A 99 -4.54 2.31 11.10
C ALA A 99 -5.52 1.22 11.42
N VAL A 100 -5.05 0.06 11.92
CA VAL A 100 -5.96 -0.99 12.41
C VAL A 100 -6.35 -0.56 13.82
N ARG A 101 -7.59 -0.07 14.03
CA ARG A 101 -8.01 0.35 15.38
C ARG A 101 -9.51 0.41 15.59
N GLY A 102 -9.92 0.48 16.87
CA GLY A 102 -11.31 0.63 17.30
C GLY A 102 -12.08 -0.65 17.54
N ASP A 103 -13.41 -0.53 17.78
CA ASP A 103 -14.29 -1.66 18.05
C ASP A 103 -14.27 -2.73 16.93
N LEU A 104 -14.10 -4.02 17.37
CA LEU A 104 -14.05 -5.24 16.55
C LEU A 104 -12.80 -5.35 15.66
N ASN A 105 -12.00 -4.28 15.54
CA ASN A 105 -10.85 -4.28 14.65
C ASN A 105 -9.61 -4.89 15.28
N PHE A 106 -9.68 -6.20 15.38
CA PHE A 106 -8.62 -7.08 15.86
C PHE A 106 -8.47 -8.19 14.82
N VAL A 107 -7.24 -8.60 14.62
CA VAL A 107 -6.92 -9.70 13.72
C VAL A 107 -7.01 -11.01 14.53
N ASN A 108 -7.74 -12.00 13.99
CA ASN A 108 -7.88 -13.34 14.56
C ASN A 108 -6.53 -14.07 14.40
N ARG A 109 -5.81 -14.26 15.53
CA ARG A 109 -4.49 -14.89 15.54
C ARG A 109 -4.49 -16.20 16.33
N ARG A 113 -0.72 -20.27 11.58
CA ARG A 113 -0.52 -20.75 10.22
C ARG A 113 -1.15 -19.83 9.13
N LEU A 114 -2.17 -19.02 9.52
CA LEU A 114 -2.84 -18.05 8.64
C LEU A 114 -1.90 -16.88 8.42
N ASN A 115 -1.90 -16.30 7.20
CA ASN A 115 -1.00 -15.20 6.92
C ASN A 115 -1.58 -13.85 7.34
N PRO A 116 -0.85 -13.10 8.21
CA PRO A 116 -1.33 -11.78 8.68
C PRO A 116 -1.37 -10.67 7.61
N MET A 117 -0.55 -10.77 6.57
CA MET A 117 -0.60 -9.81 5.45
C MET A 117 -1.98 -9.91 4.75
N HIS A 118 -2.51 -11.11 4.55
CA HIS A 118 -3.83 -11.29 3.98
C HIS A 118 -4.91 -10.79 4.90
N GLN A 119 -4.71 -10.95 6.21
CA GLN A 119 -5.65 -10.48 7.21
C GLN A 119 -5.69 -8.97 7.23
N LEU A 120 -4.53 -8.30 7.14
CA LEU A 120 -4.47 -6.82 7.06
C LEU A 120 -5.16 -6.32 5.77
N LEU A 121 -4.89 -6.99 4.65
CA LEU A 121 -5.49 -6.64 3.41
C LEU A 121 -7.01 -6.72 3.51
N ARG A 122 -7.56 -7.89 3.95
CA ARG A 122 -9.01 -8.08 4.11
C ARG A 122 -9.62 -7.00 4.96
N HIS A 123 -8.90 -6.55 5.99
CA HIS A 123 -9.38 -5.51 6.88
C HIS A 123 -9.51 -4.17 6.17
N PHE A 124 -8.49 -3.74 5.41
CA PHE A 124 -8.52 -2.43 4.74
C PHE A 124 -9.40 -2.41 3.47
N GLN A 125 -9.53 -3.54 2.77
CA GLN A 125 -10.48 -3.63 1.65
C GLN A 125 -11.93 -3.30 2.10
N LYS A 126 -12.34 -3.60 3.37
CA LYS A 126 -13.70 -3.28 3.87
C LYS A 126 -13.91 -1.80 4.03
N ASP A 127 -12.89 -1.09 4.48
CA ASP A 127 -12.94 0.36 4.65
C ASP A 127 -11.53 0.91 4.79
N ALA A 128 -11.09 1.63 3.75
CA ALA A 128 -9.77 2.21 3.68
C ALA A 128 -9.78 3.67 4.10
N LYS A 129 -10.91 4.12 4.66
CA LYS A 129 -11.03 5.51 5.11
C LYS A 129 -9.96 5.81 6.16
N VAL A 130 -9.83 4.98 7.21
CA VAL A 130 -8.84 5.21 8.28
C VAL A 130 -7.43 5.04 7.76
N LEU A 131 -7.20 4.02 6.93
CA LEU A 131 -5.91 3.80 6.27
C LEU A 131 -5.46 5.03 5.47
N PHE A 132 -6.36 5.55 4.61
CA PHE A 132 -6.10 6.72 3.79
C PHE A 132 -5.90 8.02 4.59
N GLN A 133 -6.66 8.22 5.69
CA GLN A 133 -6.49 9.42 6.53
C GLN A 133 -5.14 9.39 7.21
N ASN A 134 -4.87 8.28 7.94
CA ASN A 134 -3.69 8.10 8.76
C ASN A 134 -2.38 8.04 7.98
N TRP A 135 -2.47 7.93 6.66
CA TRP A 135 -1.31 7.75 5.79
C TRP A 135 -0.45 8.98 5.68
N GLY A 136 -1.07 10.14 5.63
CA GLY A 136 -0.37 11.41 5.47
C GLY A 136 -0.51 11.96 4.07
N ILE A 137 -0.38 13.29 3.94
CA ILE A 137 -0.45 14.01 2.67
C ILE A 137 0.73 14.92 2.48
N GLU A 138 1.17 15.09 1.23
CA GLU A 138 2.34 15.88 0.89
C GLU A 138 2.12 16.79 -0.32
N HIS A 139 2.91 17.85 -0.41
CA HIS A 139 2.88 18.74 -1.57
C HIS A 139 3.58 18.02 -2.72
N ILE A 140 3.18 18.35 -3.97
CA ILE A 140 3.72 17.73 -5.20
C ILE A 140 4.53 18.74 -6.03
N ASP A 141 5.27 18.22 -7.03
CA ASP A 141 6.08 18.99 -7.96
C ASP A 141 5.35 19.15 -9.29
N ASN A 142 6.05 19.62 -10.33
CA ASN A 142 5.45 19.81 -11.65
C ASN A 142 4.89 18.55 -12.24
N VAL A 143 5.76 17.55 -12.47
CA VAL A 143 5.47 16.30 -13.16
C VAL A 143 4.05 16.28 -13.58
N MET A 144 3.89 16.33 -14.88
CA MET A 144 2.62 16.42 -15.54
C MET A 144 2.31 15.08 -16.13
N GLY A 145 1.02 14.80 -16.28
CA GLY A 145 0.53 13.51 -16.75
C GLY A 145 0.35 12.60 -15.56
N MET A 146 0.77 13.12 -14.43
CA MET A 146 0.67 12.50 -13.14
C MET A 146 0.00 13.47 -12.27
N VAL A 147 -0.99 13.02 -11.55
CA VAL A 147 -1.74 13.87 -10.65
C VAL A 147 -1.72 13.32 -9.21
N GLY A 148 -1.91 14.20 -8.27
CA GLY A 148 -2.01 13.81 -6.88
C GLY A 148 -3.40 13.33 -6.57
N VAL A 149 -3.51 12.52 -5.55
CA VAL A 149 -4.79 11.99 -5.15
C VAL A 149 -4.95 12.17 -3.65
N LEU A 150 -6.09 12.74 -3.25
CA LEU A 150 -6.37 13.01 -1.86
C LEU A 150 -6.98 11.79 -1.17
N PRO A 151 -6.94 11.71 0.17
CA PRO A 151 -7.51 10.55 0.89
C PRO A 151 -8.93 10.12 0.47
N ASP A 152 -9.75 11.06 -0.05
CA ASP A 152 -11.09 10.72 -0.50
C ASP A 152 -11.15 10.45 -2.02
N MET A 153 -9.98 10.24 -2.63
CA MET A 153 -9.77 9.95 -4.04
C MET A 153 -10.05 11.13 -4.99
N THR A 154 -10.15 12.36 -4.47
CA THR A 154 -10.27 13.53 -5.35
C THR A 154 -8.88 13.79 -5.94
N PRO A 155 -8.80 14.06 -7.25
CA PRO A 155 -7.49 14.40 -7.82
C PRO A 155 -7.11 15.84 -7.46
N SER A 156 -5.81 16.08 -7.27
CA SER A 156 -5.27 17.40 -6.96
C SER A 156 -3.98 17.59 -7.69
N THR A 157 -3.65 18.84 -8.04
CA THR A 157 -2.36 19.13 -8.68
C THR A 157 -1.38 19.72 -7.67
N GLU A 158 -1.84 19.97 -6.41
CA GLU A 158 -1.01 20.54 -5.36
C GLU A 158 -0.57 19.51 -4.35
N MET A 159 -1.50 18.62 -3.95
CA MET A 159 -1.23 17.67 -2.87
C MET A 159 -1.69 16.26 -3.14
N SER A 160 -0.97 15.29 -2.58
CA SER A 160 -1.28 13.87 -2.70
C SER A 160 -0.89 13.11 -1.44
N MET A 161 -1.45 11.92 -1.25
CA MET A 161 -1.04 11.05 -0.16
C MET A 161 0.43 10.71 -0.41
N ARG A 162 1.25 10.72 0.64
CA ARG A 162 2.70 10.43 0.57
C ARG A 162 3.07 9.38 -0.47
N GLY A 163 3.85 9.80 -1.45
CA GLY A 163 4.39 8.92 -2.48
C GLY A 163 3.43 8.40 -3.52
N ILE A 164 2.13 8.78 -3.46
CA ILE A 164 1.11 8.29 -4.39
C ILE A 164 0.88 9.21 -5.57
N ARG A 165 1.12 8.71 -6.78
CA ARG A 165 0.86 9.44 -8.02
C ARG A 165 -0.07 8.63 -8.93
N VAL A 166 -1.00 9.31 -9.62
CA VAL A 166 -1.93 8.72 -10.58
C VAL A 166 -1.50 9.07 -12.02
N SER A 167 -1.27 8.06 -12.85
CA SER A 167 -0.92 8.24 -14.24
C SER A 167 -2.17 7.95 -15.10
N LYS A 168 -2.31 8.63 -16.25
CA LYS A 168 -3.41 8.37 -17.20
C LYS A 168 -3.20 7.03 -17.93
N MET A 169 -4.30 6.30 -18.17
CA MET A 169 -4.28 5.01 -18.88
C MET A 169 -3.87 5.20 -20.35
F2 6NU B . 6.06 -14.63 -2.85
C10 6NU B . 6.53 -13.44 -2.41
C11 6NU B . 7.65 -12.86 -3.00
N2 6NU B . 8.12 -11.68 -2.59
C12 6NU B . 7.47 -11.09 -1.64
N3 6NU B . 6.40 -11.55 -0.99
C9 6NU B . 5.91 -12.74 -1.35
N1 6NU B . 4.85 -13.25 -0.70
C6 6NU B . 4.25 -12.53 0.42
C7 6NU B . 4.39 -13.46 1.65
C8 6NU B . 5.86 -13.49 1.98
O2 6NU B . 6.48 -14.54 1.56
O1 6NU B . 6.41 -12.59 2.60
C2 6NU B . 2.78 -12.14 0.20
C5 6NU B . 2.16 -11.23 1.30
C4 6NU B . 2.41 -10.03 0.40
C3 6NU B . 2.57 -10.97 -0.78
C1 6NU B . 1.93 -13.36 -0.13
C13 6NU B . 7.95 -9.79 -1.24
C16 6NU B . 7.43 -8.85 -0.25
C17 6NU B . 6.32 -8.90 0.58
C18 6NU B . 6.10 -7.81 1.39
F1 6NU B . 5.01 -7.83 2.21
C19 6NU B . 6.98 -6.70 1.37
N5 6NU B . 8.05 -6.68 0.57
C15 6NU B . 8.26 -7.75 -0.22
N4 6NU B . 9.26 -7.93 -1.12
C14 6NU B . 9.07 -9.14 -1.74
#